data_6Y2N
#
_entry.id   6Y2N
#
_cell.length_a   64.320
_cell.length_b   64.320
_cell.length_c   153.150
_cell.angle_alpha   90.000
_cell.angle_beta   90.000
_cell.angle_gamma   90.000
#
_symmetry.space_group_name_H-M   'P 41 21 2'
#
loop_
_entity.id
_entity.type
_entity.pdbx_description
1 polymer 'Ribonucleoside-diphosphate reductase subunit beta'
2 non-polymer 'MANGANESE (III) ION'
3 non-polymer 'FE (III) ION'
4 water water
#
_entity_poly.entity_id   1
_entity_poly.type   'polypeptide(L)'
_entity_poly.pdbx_seq_one_letter_code
;GHMGRVDVAEKAMINSRADVNQLLPLKYGWAWEKYLAGCNNHWMPTEVSMQADIALWKSRDGLTDDERMMLKRNLGFFAT
AESLVANNIVLAVYRHITNPECRQYLLRQAFEEAVHTHTFQYICESLGLDEGELFNMYREIPSISDKDAWALRYTQNLEN
PDFEIGTPEADQAFLRDLVAFYVIFEGMWFYTGFAQILSLGRRNKMVGIAEQYQYILRDESIHLNFGIDCINQIKIENPH
LWTPEFQEEVRTMLTEACELEVAYGRDTMPRGILGLNAGLCEEYMRFITNRRCAQLGLEPVFPETANPFPWMSEAMDLKK
EKNFFETRVIEYQSGGALDWD
;
_entity_poly.pdbx_strand_id   A
#
# COMPACT_ATOMS: atom_id res chain seq x y z
N GLY A 4 -30.01 21.84 -16.27
CA GLY A 4 -29.59 21.25 -15.00
C GLY A 4 -28.26 20.53 -15.06
N ARG A 5 -27.28 21.17 -15.69
CA ARG A 5 -25.96 20.58 -15.85
C ARG A 5 -25.10 20.85 -14.62
N VAL A 6 -24.04 20.05 -14.48
CA VAL A 6 -23.24 20.04 -13.26
C VAL A 6 -22.23 21.19 -13.29
N ASP A 7 -22.19 21.95 -12.19
CA ASP A 7 -21.17 22.97 -11.97
C ASP A 7 -20.08 22.42 -11.07
N VAL A 8 -18.88 22.99 -11.20
CA VAL A 8 -17.74 22.53 -10.41
C VAL A 8 -17.98 22.74 -8.92
N ALA A 9 -18.72 23.78 -8.57
CA ALA A 9 -19.01 24.03 -7.16
C ALA A 9 -19.83 22.91 -6.53
N GLU A 10 -20.66 22.23 -7.33
CA GLU A 10 -21.50 21.17 -6.79
C GLU A 10 -20.71 19.90 -6.50
N LYS A 11 -19.54 19.74 -7.11
CA LYS A 11 -18.76 18.51 -6.95
C LYS A 11 -17.93 18.58 -5.67
N ALA A 12 -17.82 17.43 -5.00
CA ALA A 12 -17.10 17.35 -3.74
C ALA A 12 -16.48 15.97 -3.61
N MET A 13 -15.51 15.86 -2.71
CA MET A 13 -14.88 14.57 -2.46
C MET A 13 -15.87 13.56 -1.90
N ILE A 14 -16.63 13.97 -0.89
CA ILE A 14 -17.57 13.09 -0.22
C ILE A 14 -18.90 13.81 -0.10
N ASN A 15 -19.98 13.02 -0.07
CA ASN A 15 -21.32 13.55 0.15
C ASN A 15 -21.70 14.63 -0.87
N SER A 16 -21.21 14.49 -2.10
CA SER A 16 -21.56 15.46 -3.12
C SER A 16 -22.93 15.14 -3.71
N ARG A 17 -23.66 16.19 -4.07
CA ARG A 17 -24.97 16.05 -4.70
C ARG A 17 -24.91 16.10 -6.22
N ALA A 18 -23.77 16.50 -6.78
CA ALA A 18 -23.64 16.58 -8.23
C ALA A 18 -23.71 15.19 -8.85
N ASP A 19 -24.17 15.14 -10.11
CA ASP A 19 -24.27 13.89 -10.85
C ASP A 19 -22.90 13.23 -10.94
N VAL A 20 -22.70 12.16 -10.19
CA VAL A 20 -21.43 11.46 -10.19
C VAL A 20 -21.15 10.74 -11.50
N ASN A 21 -22.16 10.61 -12.36
CA ASN A 21 -22.00 9.97 -13.66
C ASN A 21 -21.39 10.91 -14.71
N GLN A 22 -21.23 12.19 -14.40
CA GLN A 22 -20.77 13.18 -15.37
C GLN A 22 -19.34 13.56 -15.04
N LEU A 23 -18.39 13.11 -15.87
CA LEU A 23 -16.98 13.39 -15.63
C LEU A 23 -16.68 14.89 -15.72
N LEU A 24 -17.13 15.54 -16.81
CA LEU A 24 -16.87 16.96 -16.97
C LEU A 24 -18.02 17.79 -16.40
N PRO A 25 -17.75 18.98 -15.85
CA PRO A 25 -16.40 19.59 -15.74
C PRO A 25 -15.57 19.00 -14.60
N LEU A 26 -14.27 18.88 -14.83
CA LEU A 26 -13.38 18.35 -13.81
C LEU A 26 -13.18 19.39 -12.71
N LYS A 27 -13.32 18.96 -11.46
CA LYS A 27 -12.96 19.82 -10.34
C LYS A 27 -11.61 19.48 -9.76
N TYR A 28 -11.32 18.19 -9.59
CA TYR A 28 -10.07 17.74 -9.00
C TYR A 28 -9.12 17.37 -10.13
N GLY A 29 -8.44 18.39 -10.66
CA GLY A 29 -7.42 18.14 -11.67
C GLY A 29 -6.31 17.23 -11.18
N TRP A 30 -5.97 17.33 -9.89
CA TRP A 30 -4.92 16.48 -9.35
C TRP A 30 -5.31 15.01 -9.44
N ALA A 31 -6.59 14.69 -9.26
CA ALA A 31 -7.04 13.32 -9.42
C ALA A 31 -6.97 12.89 -10.88
N TRP A 32 -7.41 13.75 -11.80
CA TRP A 32 -7.32 13.44 -13.23
C TRP A 32 -5.86 13.24 -13.65
N GLU A 33 -4.95 14.05 -13.10
CA GLU A 33 -3.55 13.94 -13.46
C GLU A 33 -2.98 12.58 -13.05
N LYS A 34 -3.36 12.09 -11.87
CA LYS A 34 -2.91 10.77 -11.42
C LYS A 34 -3.38 9.67 -12.36
N TYR A 35 -4.61 9.79 -12.86
CA TYR A 35 -5.14 8.77 -13.77
C TYR A 35 -4.32 8.70 -15.05
N LEU A 36 -3.97 9.87 -15.60
CA LEU A 36 -3.14 9.90 -16.80
C LEU A 36 -1.75 9.31 -16.52
N ALA A 37 -1.19 9.59 -15.35
CA ALA A 37 0.12 9.05 -15.02
C ALA A 37 0.05 7.54 -14.82
N GLY A 38 -1.01 7.05 -14.17
CA GLY A 38 -1.17 5.62 -14.00
C GLY A 38 -1.25 4.87 -15.32
N CYS A 39 -2.03 5.40 -16.27
CA CYS A 39 -2.18 4.75 -17.57
C CYS A 39 -0.85 4.66 -18.30
N ASN A 40 -0.05 5.73 -18.26
CA ASN A 40 1.22 5.74 -18.96
C ASN A 40 2.24 4.77 -18.34
N ASN A 41 1.99 4.28 -17.13
CA ASN A 41 2.85 3.28 -16.51
C ASN A 41 2.38 1.86 -16.80
N HIS A 42 1.90 1.61 -18.01
N HIS A 42 1.89 1.61 -18.01
CA HIS A 42 1.42 0.27 -18.35
CA HIS A 42 1.44 0.28 -18.37
C HIS A 42 2.57 -0.71 -18.42
C HIS A 42 2.62 -0.70 -18.37
N TRP A 43 2.42 -1.83 -17.73
CA TRP A 43 3.43 -2.89 -17.67
C TRP A 43 2.75 -4.19 -17.31
N MET A 44 3.38 -5.29 -17.71
CA MET A 44 2.91 -6.62 -17.41
C MET A 44 4.01 -7.41 -16.71
N PRO A 45 3.69 -8.19 -15.68
CA PRO A 45 4.73 -8.97 -15.00
C PRO A 45 5.38 -10.01 -15.88
N THR A 46 4.66 -10.53 -16.88
CA THR A 46 5.22 -11.48 -17.82
C THR A 46 6.23 -10.84 -18.77
N GLU A 47 6.41 -9.52 -18.74
CA GLU A 47 7.45 -8.88 -19.53
C GLU A 47 8.83 -9.03 -18.91
N VAL A 48 8.92 -9.42 -17.64
CA VAL A 48 10.19 -9.56 -16.94
C VAL A 48 10.59 -11.03 -16.97
N SER A 49 11.82 -11.29 -17.41
CA SER A 49 12.32 -12.67 -17.46
C SER A 49 12.66 -13.15 -16.06
N MET A 50 12.30 -14.41 -15.81
CA MET A 50 12.54 -15.07 -14.52
C MET A 50 13.58 -16.17 -14.60
N GLN A 51 14.22 -16.35 -15.76
CA GLN A 51 15.15 -17.46 -15.94
C GLN A 51 16.27 -17.43 -14.91
N ALA A 52 16.88 -16.25 -14.73
CA ALA A 52 17.93 -16.11 -13.73
C ALA A 52 17.39 -16.38 -12.34
N ASP A 53 16.21 -15.85 -12.02
CA ASP A 53 15.63 -16.06 -10.69
C ASP A 53 15.23 -17.51 -10.48
N ILE A 54 14.77 -18.19 -11.53
CA ILE A 54 14.43 -19.60 -11.41
C ILE A 54 15.69 -20.43 -11.18
N ALA A 55 16.77 -20.10 -11.88
CA ALA A 55 18.02 -20.82 -11.70
C ALA A 55 18.57 -20.61 -10.29
N LEU A 56 18.60 -19.36 -9.83
CA LEU A 56 19.08 -19.07 -8.49
C LEU A 56 18.21 -19.74 -7.43
N TRP A 57 16.90 -19.86 -7.70
CA TRP A 57 16.00 -20.47 -6.72
C TRP A 57 16.20 -21.97 -6.63
N LYS A 58 16.31 -22.64 -7.79
CA LYS A 58 16.49 -24.09 -7.78
C LYS A 58 17.89 -24.50 -7.32
N SER A 59 18.86 -23.60 -7.40
CA SER A 59 20.22 -23.95 -7.01
C SER A 59 20.34 -24.05 -5.50
N ARG A 60 21.45 -24.67 -5.06
CA ARG A 60 21.67 -24.86 -3.63
C ARG A 60 22.30 -23.62 -3.00
N ASP A 61 23.43 -23.18 -3.54
CA ASP A 61 24.14 -22.03 -3.00
C ASP A 61 23.50 -20.70 -3.36
N GLY A 62 22.41 -20.70 -4.13
CA GLY A 62 21.87 -19.46 -4.66
C GLY A 62 21.44 -18.50 -3.57
N LEU A 63 20.74 -19.01 -2.55
CA LEU A 63 20.23 -18.17 -1.47
C LEU A 63 20.45 -18.87 -0.14
N THR A 64 20.75 -18.09 0.89
CA THR A 64 20.79 -18.63 2.24
C THR A 64 19.40 -19.01 2.69
N ASP A 65 19.32 -19.90 3.69
CA ASP A 65 18.02 -20.27 4.22
C ASP A 65 17.29 -19.06 4.78
N ASP A 66 18.02 -18.09 5.35
CA ASP A 66 17.37 -16.87 5.82
C ASP A 66 16.84 -16.05 4.67
N GLU A 67 17.56 -16.00 3.54
CA GLU A 67 17.08 -15.26 2.39
C GLU A 67 15.83 -15.89 1.82
N ARG A 68 15.78 -17.22 1.74
CA ARG A 68 14.59 -17.89 1.21
C ARG A 68 13.37 -17.63 2.09
N MET A 69 13.53 -17.74 3.41
CA MET A 69 12.41 -17.48 4.30
C MET A 69 11.95 -16.03 4.20
N MET A 70 12.91 -15.10 4.19
CA MET A 70 12.57 -13.70 3.99
C MET A 70 11.82 -13.50 2.67
N LEU A 71 12.22 -14.23 1.63
CA LEU A 71 11.55 -14.10 0.35
C LEU A 71 10.16 -14.71 0.38
N LYS A 72 10.00 -15.88 0.98
CA LYS A 72 8.69 -16.53 1.05
C LYS A 72 7.71 -15.70 1.87
N ARG A 73 8.15 -15.16 3.01
CA ARG A 73 7.26 -14.37 3.85
C ARG A 73 6.84 -13.08 3.15
N ASN A 74 7.79 -12.43 2.48
CA ASN A 74 7.49 -11.21 1.75
C ASN A 74 6.51 -11.47 0.61
N LEU A 75 6.77 -12.54 -0.17
CA LEU A 75 5.86 -12.89 -1.26
C LEU A 75 4.49 -13.30 -0.71
N GLY A 76 4.47 -14.14 0.33
CA GLY A 76 3.21 -14.56 0.90
C GLY A 76 2.38 -13.42 1.42
N PHE A 77 3.03 -12.38 1.94
CA PHE A 77 2.30 -11.20 2.40
C PHE A 77 1.77 -10.40 1.24
N PHE A 78 2.59 -10.16 0.23
CA PHE A 78 2.17 -9.35 -0.90
C PHE A 78 1.16 -10.07 -1.79
N ALA A 79 1.23 -11.40 -1.86
CA ALA A 79 0.37 -12.16 -2.76
C ALA A 79 -1.11 -11.90 -2.49
N THR A 80 -1.50 -11.81 -1.22
CA THR A 80 -2.89 -11.57 -0.86
C THR A 80 -3.17 -10.15 -0.41
N ALA A 81 -2.13 -9.37 -0.10
CA ALA A 81 -2.34 -7.98 0.31
C ALA A 81 -2.91 -7.15 -0.83
N GLU A 82 -2.48 -7.42 -2.07
CA GLU A 82 -2.98 -6.65 -3.21
C GLU A 82 -4.48 -6.84 -3.37
N SER A 83 -4.97 -8.06 -3.14
CA SER A 83 -6.41 -8.30 -3.18
C SER A 83 -7.12 -7.54 -2.06
N LEU A 84 -6.50 -7.44 -0.90
CA LEU A 84 -7.11 -6.71 0.20
C LEU A 84 -7.24 -5.22 -0.14
N VAL A 85 -6.21 -4.64 -0.73
CA VAL A 85 -6.29 -3.24 -1.15
C VAL A 85 -7.33 -3.07 -2.24
N ALA A 86 -7.34 -3.98 -3.23
CA ALA A 86 -8.29 -3.86 -4.33
C ALA A 86 -9.73 -3.98 -3.82
N ASN A 87 -10.00 -4.95 -2.96
CA ASN A 87 -11.34 -5.08 -2.40
C ASN A 87 -11.74 -3.87 -1.58
N ASN A 88 -10.79 -3.26 -0.88
CA ASN A 88 -11.12 -2.06 -0.12
C ASN A 88 -11.49 -0.91 -1.03
N ILE A 89 -10.76 -0.75 -2.14
CA ILE A 89 -11.12 0.25 -3.15
C ILE A 89 -12.55 0.06 -3.61
N VAL A 90 -12.89 -1.17 -4.00
CA VAL A 90 -14.18 -1.43 -4.63
C VAL A 90 -15.30 -1.40 -3.60
N LEU A 91 -15.13 -2.12 -2.49
CA LEU A 91 -16.22 -2.28 -1.55
C LEU A 91 -16.38 -1.11 -0.60
N ALA A 92 -15.38 -0.24 -0.48
CA ALA A 92 -15.45 0.83 0.51
C ALA A 92 -15.12 2.20 -0.07
N VAL A 93 -13.95 2.33 -0.68
CA VAL A 93 -13.49 3.66 -1.12
C VAL A 93 -14.36 4.19 -2.25
N TYR A 94 -14.68 3.33 -3.23
CA TYR A 94 -15.40 3.79 -4.41
C TYR A 94 -16.77 4.36 -4.04
N ARG A 95 -17.50 3.67 -3.16
CA ARG A 95 -18.84 4.13 -2.79
C ARG A 95 -18.79 5.51 -2.16
N HIS A 96 -17.84 5.76 -1.26
CA HIS A 96 -17.85 6.97 -0.47
C HIS A 96 -17.29 8.19 -1.20
N ILE A 97 -16.43 7.99 -2.19
CA ILE A 97 -15.89 9.10 -2.96
C ILE A 97 -16.92 9.45 -4.03
N THR A 98 -17.64 10.54 -3.81
CA THR A 98 -18.76 10.94 -4.68
C THR A 98 -18.26 11.90 -5.77
N ASN A 99 -17.29 11.41 -6.55
CA ASN A 99 -16.62 12.26 -7.48
C ASN A 99 -16.13 11.45 -8.68
N PRO A 100 -16.51 11.84 -9.90
CA PRO A 100 -16.17 11.03 -11.07
C PRO A 100 -14.69 10.97 -11.39
N GLU A 101 -13.97 12.10 -11.35
CA GLU A 101 -12.56 12.06 -11.70
C GLU A 101 -11.76 11.26 -10.68
N CYS A 102 -12.15 11.30 -9.41
CA CYS A 102 -11.47 10.46 -8.42
C CYS A 102 -11.81 8.98 -8.63
N ARG A 103 -13.09 8.69 -8.90
CA ARG A 103 -13.46 7.31 -9.23
C ARG A 103 -12.72 6.83 -10.47
N GLN A 104 -12.51 7.73 -11.43
CA GLN A 104 -11.70 7.40 -12.60
C GLN A 104 -10.35 6.84 -12.21
N TYR A 105 -9.65 7.51 -11.28
CA TYR A 105 -8.36 7.00 -10.85
C TYR A 105 -8.50 5.72 -10.03
N LEU A 106 -9.57 5.61 -9.24
CA LEU A 106 -9.78 4.40 -8.46
C LEU A 106 -9.88 3.19 -9.38
N LEU A 107 -10.54 3.34 -10.53
CA LEU A 107 -10.60 2.25 -11.49
C LEU A 107 -9.22 1.90 -12.02
N ARG A 108 -8.38 2.92 -12.29
CA ARG A 108 -7.00 2.66 -12.66
C ARG A 108 -6.26 1.94 -11.53
N GLN A 109 -6.35 2.48 -10.31
CA GLN A 109 -5.64 1.88 -9.19
C GLN A 109 -6.09 0.44 -8.94
N ALA A 110 -7.41 0.20 -8.95
CA ALA A 110 -7.92 -1.14 -8.77
C ALA A 110 -7.32 -2.10 -9.79
N PHE A 111 -7.28 -1.69 -11.05
CA PHE A 111 -6.69 -2.55 -12.07
C PHE A 111 -5.21 -2.77 -11.83
N GLU A 112 -4.49 -1.73 -11.40
CA GLU A 112 -3.08 -1.92 -11.10
C GLU A 112 -2.90 -2.94 -9.97
N GLU A 113 -3.83 -2.96 -9.01
CA GLU A 113 -3.81 -4.00 -7.99
C GLU A 113 -3.98 -5.38 -8.60
N ALA A 114 -4.77 -5.49 -9.67
CA ALA A 114 -4.91 -6.78 -10.36
C ALA A 114 -3.60 -7.15 -11.07
N VAL A 115 -2.92 -6.17 -11.65
CA VAL A 115 -1.60 -6.42 -12.21
C VAL A 115 -0.65 -6.89 -11.13
N HIS A 116 -0.67 -6.22 -9.96
CA HIS A 116 0.21 -6.62 -8.87
C HIS A 116 -0.13 -8.02 -8.39
N THR A 117 -1.42 -8.34 -8.27
CA THR A 117 -1.80 -9.70 -7.93
C THR A 117 -1.35 -10.67 -9.02
N HIS A 118 -1.47 -10.28 -10.29
CA HIS A 118 -0.94 -11.08 -11.39
C HIS A 118 0.56 -11.32 -11.23
N THR A 119 1.28 -10.33 -10.72
CA THR A 119 2.73 -10.45 -10.58
C THR A 119 3.09 -11.61 -9.65
N PHE A 120 2.30 -11.84 -8.61
CA PHE A 120 2.62 -12.88 -7.64
C PHE A 120 2.08 -14.24 -8.04
N GLN A 121 1.07 -14.31 -8.92
CA GLN A 121 0.76 -15.57 -9.57
C GLN A 121 1.89 -15.97 -10.50
N TYR A 122 2.45 -15.00 -11.23
CA TYR A 122 3.54 -15.27 -12.15
C TYR A 122 4.80 -15.70 -11.42
N ILE A 123 5.12 -15.04 -10.31
CA ILE A 123 6.28 -15.43 -9.51
C ILE A 123 6.06 -16.80 -8.91
N CYS A 124 4.87 -17.03 -8.33
CA CYS A 124 4.58 -18.33 -7.74
C CYS A 124 4.66 -19.45 -8.79
N GLU A 125 4.10 -19.21 -9.98
CA GLU A 125 4.12 -20.22 -11.03
C GLU A 125 5.53 -20.40 -11.59
N SER A 126 6.29 -19.31 -11.69
CA SER A 126 7.64 -19.39 -12.25
C SER A 126 8.56 -20.17 -11.34
N LEU A 127 8.62 -19.80 -10.05
CA LEU A 127 9.51 -20.46 -9.11
C LEU A 127 8.99 -21.81 -8.65
N GLY A 128 7.79 -22.22 -9.06
CA GLY A 128 7.24 -23.49 -8.64
C GLY A 128 6.87 -23.55 -7.19
N LEU A 129 6.40 -22.44 -6.62
CA LEU A 129 6.02 -22.42 -5.22
C LEU A 129 4.67 -23.11 -5.02
N ASP A 130 4.42 -23.52 -3.79
CA ASP A 130 3.12 -24.06 -3.42
C ASP A 130 2.10 -22.93 -3.40
N GLU A 131 1.09 -23.02 -4.29
CA GLU A 131 0.06 -21.99 -4.34
C GLU A 131 -0.67 -21.86 -3.00
N GLY A 132 -1.05 -23.01 -2.42
CA GLY A 132 -1.74 -22.96 -1.14
C GLY A 132 -0.89 -22.37 -0.05
N GLU A 133 0.39 -22.77 0.02
CA GLU A 133 1.28 -22.22 1.04
C GLU A 133 1.46 -20.72 0.87
N LEU A 134 1.52 -20.25 -0.38
CA LEU A 134 1.80 -18.85 -0.63
C LEU A 134 0.56 -17.98 -0.41
N PHE A 135 -0.58 -18.37 -0.98
CA PHE A 135 -1.76 -17.54 -0.92
C PHE A 135 -2.55 -17.69 0.38
N ASN A 136 -2.37 -18.80 1.09
CA ASN A 136 -2.96 -18.94 2.42
C ASN A 136 -1.99 -18.54 3.52
N MET A 137 -0.82 -18.01 3.17
CA MET A 137 0.18 -17.66 4.18
C MET A 137 -0.33 -16.58 5.11
N TYR A 138 -1.21 -15.71 4.63
CA TYR A 138 -1.72 -14.61 5.44
C TYR A 138 -2.74 -15.06 6.46
N ARG A 139 -3.09 -16.34 6.50
CA ARG A 139 -3.89 -16.89 7.57
C ARG A 139 -3.12 -17.89 8.43
N GLU A 140 -1.90 -18.23 8.04
CA GLU A 140 -1.09 -19.21 8.78
C GLU A 140 0.03 -18.57 9.60
N ILE A 141 0.55 -17.43 9.17
CA ILE A 141 1.67 -16.77 9.85
C ILE A 141 1.10 -15.67 10.75
N PRO A 142 1.30 -15.74 12.06
CA PRO A 142 0.73 -14.69 12.94
C PRO A 142 1.16 -13.29 12.58
N SER A 143 2.46 -13.09 12.30
CA SER A 143 2.94 -11.74 11.96
C SER A 143 2.24 -11.19 10.72
N ILE A 144 2.01 -12.02 9.71
CA ILE A 144 1.29 -11.56 8.53
C ILE A 144 -0.19 -11.43 8.83
N SER A 145 -0.76 -12.42 9.52
CA SER A 145 -2.19 -12.40 9.85
C SER A 145 -2.56 -11.18 10.68
N ASP A 146 -1.73 -10.82 11.67
CA ASP A 146 -2.03 -9.66 12.51
C ASP A 146 -2.07 -8.39 11.70
N LYS A 147 -1.16 -8.24 10.73
CA LYS A 147 -1.15 -7.05 9.90
C LYS A 147 -2.42 -6.95 9.06
N ASP A 148 -2.80 -8.04 8.39
CA ASP A 148 -3.96 -8.00 7.52
C ASP A 148 -5.25 -7.85 8.31
N ALA A 149 -5.37 -8.59 9.42
CA ALA A 149 -6.55 -8.47 10.26
C ALA A 149 -6.70 -7.06 10.81
N TRP A 150 -5.59 -6.40 11.10
CA TRP A 150 -5.65 -5.04 11.62
C TRP A 150 -6.20 -4.07 10.58
N ALA A 151 -5.72 -4.19 9.33
CA ALA A 151 -6.20 -3.31 8.28
C ALA A 151 -7.63 -3.65 7.87
N LEU A 152 -8.02 -4.92 7.95
CA LEU A 152 -9.34 -5.33 7.51
C LEU A 152 -10.44 -4.71 8.36
N ARG A 153 -10.17 -4.46 9.65
CA ARG A 153 -11.18 -3.91 10.55
C ARG A 153 -11.72 -2.57 10.03
N TYR A 154 -10.84 -1.75 9.44
CA TYR A 154 -11.29 -0.46 8.93
C TYR A 154 -12.14 -0.61 7.68
N THR A 155 -11.93 -1.69 6.93
CA THR A 155 -12.82 -1.99 5.80
C THR A 155 -14.17 -2.50 6.30
N GLN A 156 -14.15 -3.42 7.27
CA GLN A 156 -15.38 -4.00 7.77
C GLN A 156 -16.23 -2.97 8.50
N ASN A 157 -15.59 -2.04 9.22
CA ASN A 157 -16.35 -1.06 9.99
C ASN A 157 -17.18 -0.16 9.09
N LEU A 158 -16.69 0.15 7.89
CA LEU A 158 -17.49 0.94 6.97
C LEU A 158 -18.73 0.17 6.53
N GLU A 159 -18.59 -1.13 6.28
CA GLU A 159 -19.68 -1.95 5.78
C GLU A 159 -20.74 -2.24 6.84
N ASN A 160 -20.41 -2.11 8.12
CA ASN A 160 -21.36 -2.36 9.21
C ASN A 160 -21.40 -1.16 10.14
N PRO A 161 -22.10 -0.08 9.77
CA PRO A 161 -22.24 1.08 10.66
C PRO A 161 -23.30 0.88 11.74
N ILE A 165 -24.49 7.36 7.08
CA ILE A 165 -25.41 8.14 6.27
C ILE A 165 -24.95 9.60 6.27
N GLY A 166 -23.64 9.79 6.21
CA GLY A 166 -23.06 11.12 6.12
C GLY A 166 -22.92 11.87 7.43
N THR A 167 -22.78 11.17 8.54
CA THR A 167 -22.53 11.79 9.83
C THR A 167 -21.04 12.05 10.02
N PRO A 168 -20.66 12.92 10.97
CA PRO A 168 -19.22 13.12 11.22
C PRO A 168 -18.50 11.84 11.60
N GLU A 169 -19.14 10.97 12.38
CA GLU A 169 -18.54 9.68 12.69
C GLU A 169 -18.37 8.84 11.44
N ALA A 170 -19.33 8.88 10.53
CA ALA A 170 -19.25 8.09 9.31
C ALA A 170 -18.09 8.57 8.43
N ASP A 171 -17.97 9.88 8.25
CA ASP A 171 -16.89 10.41 7.44
C ASP A 171 -15.53 10.23 8.11
N GLN A 172 -15.48 10.25 9.44
CA GLN A 172 -14.22 9.97 10.11
C GLN A 172 -13.83 8.50 9.96
N ALA A 173 -14.82 7.60 10.04
CA ALA A 173 -14.52 6.19 9.85
C ALA A 173 -14.00 5.92 8.45
N PHE A 174 -14.53 6.63 7.45
CA PHE A 174 -13.99 6.51 6.09
C PHE A 174 -12.59 7.07 5.99
N LEU A 175 -12.31 8.16 6.71
CA LEU A 175 -10.94 8.68 6.75
C LEU A 175 -9.98 7.66 7.37
N ARG A 176 -10.41 7.01 8.46
CA ARG A 176 -9.57 5.96 9.04
C ARG A 176 -9.25 4.88 8.03
N ASP A 177 -10.20 4.58 7.14
CA ASP A 177 -9.97 3.59 6.11
C ASP A 177 -8.94 4.05 5.10
N LEU A 178 -9.03 5.31 4.65
CA LEU A 178 -8.04 5.84 3.71
C LEU A 178 -6.64 5.82 4.32
N VAL A 179 -6.52 6.19 5.60
CA VAL A 179 -5.23 6.14 6.26
C VAL A 179 -4.73 4.70 6.32
N ALA A 180 -5.60 3.77 6.74
CA ALA A 180 -5.18 2.39 6.94
C ALA A 180 -4.66 1.76 5.65
N PHE A 181 -5.27 2.09 4.51
CA PHE A 181 -4.93 1.42 3.27
C PHE A 181 -4.02 2.24 2.36
N TYR A 182 -4.23 3.56 2.27
CA TYR A 182 -3.33 4.35 1.44
C TYR A 182 -2.05 4.70 2.19
N VAL A 183 -2.17 5.20 3.42
CA VAL A 183 -1.00 5.69 4.13
C VAL A 183 -0.24 4.53 4.77
N ILE A 184 -0.95 3.62 5.42
CA ILE A 184 -0.32 2.57 6.21
C ILE A 184 -0.02 1.34 5.35
N PHE A 185 -1.07 0.73 4.78
CA PHE A 185 -0.87 -0.50 4.01
C PHE A 185 0.03 -0.26 2.81
N GLU A 186 -0.34 0.70 1.94
CA GLU A 186 0.41 0.90 0.72
C GLU A 186 1.62 1.79 0.94
N GLY A 187 1.49 2.81 1.78
CA GLY A 187 2.56 3.78 1.96
C GLY A 187 3.56 3.48 3.05
N MET A 188 3.36 2.41 3.81
CA MET A 188 4.30 2.05 4.86
C MET A 188 4.70 0.58 4.77
N TRP A 189 3.72 -0.31 4.92
CA TRP A 189 4.03 -1.74 4.92
C TRP A 189 4.59 -2.19 3.59
N PHE A 190 4.03 -1.70 2.48
CA PHE A 190 4.56 -2.10 1.17
C PHE A 190 5.96 -1.52 0.95
N TYR A 191 6.19 -0.27 1.35
CA TYR A 191 7.50 0.33 1.18
C TYR A 191 8.58 -0.43 1.96
N THR A 192 8.24 -0.87 3.18
CA THR A 192 9.18 -1.68 3.95
C THR A 192 9.44 -3.01 3.25
N GLY A 193 8.39 -3.67 2.78
CA GLY A 193 8.57 -4.90 2.02
C GLY A 193 9.30 -4.68 0.72
N PHE A 194 9.15 -3.51 0.12
CA PHE A 194 9.89 -3.18 -1.10
C PHE A 194 11.39 -3.09 -0.80
N ALA A 195 11.76 -2.47 0.31
CA ALA A 195 13.17 -2.31 0.66
C ALA A 195 13.84 -3.66 0.85
N GLN A 196 13.12 -4.64 1.42
CA GLN A 196 13.70 -5.95 1.65
C GLN A 196 14.03 -6.65 0.34
N ILE A 197 13.10 -6.64 -0.62
CA ILE A 197 13.30 -7.34 -1.87
C ILE A 197 14.30 -6.61 -2.76
N LEU A 198 14.20 -5.28 -2.82
CA LEU A 198 15.16 -4.51 -3.61
C LEU A 198 16.57 -4.63 -3.07
N SER A 199 16.72 -4.96 -1.78
CA SER A 199 18.04 -5.21 -1.22
C SER A 199 18.69 -6.43 -1.87
N LEU A 200 17.91 -7.48 -2.10
CA LEU A 200 18.42 -8.62 -2.85
C LEU A 200 18.76 -8.23 -4.28
N GLY A 201 17.92 -7.38 -4.89
CA GLY A 201 18.17 -6.96 -6.25
C GLY A 201 19.46 -6.17 -6.38
N ARG A 202 19.77 -5.33 -5.38
CA ARG A 202 21.04 -4.62 -5.37
C ARG A 202 22.23 -5.56 -5.19
N ARG A 203 22.02 -6.74 -4.62
CA ARG A 203 23.06 -7.76 -4.58
C ARG A 203 23.00 -8.69 -5.78
N ASN A 204 22.25 -8.32 -6.82
CA ASN A 204 22.09 -9.12 -8.03
C ASN A 204 21.48 -10.48 -7.74
N LYS A 205 20.62 -10.54 -6.73
CA LYS A 205 19.92 -11.77 -6.35
C LYS A 205 18.43 -11.56 -6.56
N MET A 206 17.80 -12.51 -7.26
CA MET A 206 16.38 -12.43 -7.59
C MET A 206 16.04 -11.11 -8.28
N VAL A 207 16.77 -10.83 -9.36
CA VAL A 207 16.62 -9.56 -10.04
C VAL A 207 15.30 -9.48 -10.78
N GLY A 208 14.81 -10.61 -11.30
CA GLY A 208 13.51 -10.61 -11.94
C GLY A 208 12.39 -10.23 -10.98
N ILE A 209 12.43 -10.77 -9.76
CA ILE A 209 11.45 -10.38 -8.75
C ILE A 209 11.65 -8.92 -8.36
N ALA A 210 12.92 -8.49 -8.26
CA ALA A 210 13.20 -7.11 -7.88
C ALA A 210 12.70 -6.13 -8.94
N GLU A 211 12.88 -6.47 -10.22
CA GLU A 211 12.42 -5.58 -11.28
C GLU A 211 10.91 -5.42 -11.26
N GLN A 212 10.18 -6.52 -11.02
CA GLN A 212 8.74 -6.43 -10.89
C GLN A 212 8.35 -5.59 -9.68
N TYR A 213 9.13 -5.67 -8.61
CA TYR A 213 8.88 -4.84 -7.43
C TYR A 213 9.13 -3.36 -7.72
N GLN A 214 10.09 -3.07 -8.60
CA GLN A 214 10.29 -1.68 -9.02
C GLN A 214 9.07 -1.16 -9.75
N TYR A 215 8.44 -2.00 -10.58
CA TYR A 215 7.21 -1.58 -11.25
C TYR A 215 6.09 -1.36 -10.26
N ILE A 216 5.94 -2.28 -9.30
CA ILE A 216 4.91 -2.15 -8.29
C ILE A 216 5.16 -0.91 -7.43
N LEU A 217 6.43 -0.63 -7.12
CA LEU A 217 6.75 0.55 -6.33
C LEU A 217 6.39 1.83 -7.06
N ARG A 218 6.59 1.85 -8.39
CA ARG A 218 6.20 3.02 -9.17
C ARG A 218 4.70 3.23 -9.10
N ASP A 219 3.91 2.17 -9.28
CA ASP A 219 2.47 2.27 -9.08
C ASP A 219 2.15 2.68 -7.66
N GLU A 220 2.83 2.06 -6.68
CA GLU A 220 2.56 2.34 -5.29
C GLU A 220 2.79 3.80 -4.93
N SER A 221 3.79 4.43 -5.55
CA SER A 221 4.04 5.85 -5.29
C SER A 221 2.85 6.71 -5.71
N ILE A 222 2.24 6.38 -6.84
CA ILE A 222 1.07 7.14 -7.27
C ILE A 222 -0.13 6.82 -6.40
N HIS A 223 -0.30 5.54 -6.04
CA HIS A 223 -1.39 5.16 -5.14
C HIS A 223 -1.32 5.93 -3.84
N LEU A 224 -0.13 6.01 -3.25
CA LEU A 224 0.05 6.78 -2.02
C LEU A 224 -0.20 8.26 -2.27
N ASN A 225 0.41 8.81 -3.33
CA ASN A 225 0.23 10.22 -3.65
C ASN A 225 -1.24 10.58 -3.82
N PHE A 226 -2.00 9.72 -4.50
CA PHE A 226 -3.42 9.96 -4.66
C PHE A 226 -4.14 9.95 -3.32
N GLY A 227 -3.85 8.95 -2.48
CA GLY A 227 -4.58 8.79 -1.25
C GLY A 227 -4.31 9.90 -0.25
N ILE A 228 -3.06 10.36 -0.19
CA ILE A 228 -2.75 11.53 0.63
C ILE A 228 -3.51 12.74 0.12
N ASP A 229 -3.52 12.94 -1.20
CA ASP A 229 -4.28 14.04 -1.78
C ASP A 229 -5.76 13.95 -1.42
N CYS A 230 -6.32 12.73 -1.42
CA CYS A 230 -7.72 12.54 -1.05
C CYS A 230 -7.97 12.97 0.38
N ILE A 231 -7.14 12.47 1.30
CA ILE A 231 -7.28 12.82 2.71
C ILE A 231 -7.13 14.33 2.89
N ASN A 232 -6.12 14.91 2.23
CA ASN A 232 -5.91 16.36 2.33
C ASN A 232 -7.06 17.13 1.68
N GLN A 233 -7.56 16.66 0.54
CA GLN A 233 -8.66 17.34 -0.12
C GLN A 233 -9.94 17.24 0.70
N ILE A 234 -10.15 16.10 1.36
CA ILE A 234 -11.31 15.95 2.24
C ILE A 234 -11.14 16.84 3.47
N LYS A 235 -9.91 17.01 3.95
CA LYS A 235 -9.66 17.91 5.08
C LYS A 235 -10.01 19.34 4.73
N ILE A 236 -9.68 19.77 3.51
CA ILE A 236 -9.99 21.14 3.09
C ILE A 236 -11.49 21.38 3.12
N GLU A 237 -12.26 20.46 2.54
CA GLU A 237 -13.69 20.67 2.41
C GLU A 237 -14.45 20.29 3.67
N ASN A 238 -13.84 19.55 4.58
CA ASN A 238 -14.45 19.15 5.84
C ASN A 238 -13.48 19.45 6.99
N PRO A 239 -13.26 20.73 7.29
CA PRO A 239 -12.31 21.07 8.37
C PRO A 239 -12.73 20.51 9.71
N HIS A 240 -14.03 20.42 9.94
CA HIS A 240 -14.56 19.90 11.20
C HIS A 240 -14.20 18.44 11.42
N LEU A 241 -13.76 17.73 10.39
CA LEU A 241 -13.42 16.32 10.56
C LEU A 241 -12.03 16.12 11.16
N TRP A 242 -11.11 17.04 10.88
CA TRP A 242 -9.72 16.91 11.34
C TRP A 242 -9.55 17.48 12.74
N THR A 243 -10.30 16.91 13.68
CA THR A 243 -10.25 17.34 15.06
C THR A 243 -8.96 16.90 15.72
N PRO A 244 -8.56 17.55 16.82
CA PRO A 244 -7.38 17.10 17.57
C PRO A 244 -7.49 15.66 18.05
N GLU A 245 -8.69 15.22 18.43
CA GLU A 245 -8.86 13.83 18.85
C GLU A 245 -8.63 12.88 17.68
N PHE A 246 -9.16 13.22 16.51
CA PHE A 246 -8.97 12.37 15.34
C PHE A 246 -7.52 12.37 14.87
N GLN A 247 -6.83 13.50 15.01
CA GLN A 247 -5.41 13.54 14.68
C GLN A 247 -4.63 12.56 15.55
N GLU A 248 -4.96 12.50 16.84
CA GLU A 248 -4.30 11.54 17.71
C GLU A 248 -4.73 10.11 17.39
N GLU A 249 -5.98 9.93 16.96
CA GLU A 249 -6.40 8.62 16.48
C GLU A 249 -5.52 8.16 15.32
N VAL A 250 -5.28 9.05 14.35
CA VAL A 250 -4.45 8.68 13.22
C VAL A 250 -3.01 8.48 13.66
N ARG A 251 -2.51 9.33 14.55
CA ARG A 251 -1.15 9.12 15.08
C ARG A 251 -1.07 7.79 15.82
N THR A 252 -2.14 7.39 16.49
CA THR A 252 -2.16 6.09 17.18
C THR A 252 -2.21 4.95 16.17
N MET A 253 -2.98 5.11 15.09
CA MET A 253 -3.02 4.09 14.04
C MET A 253 -1.64 3.86 13.45
N LEU A 254 -0.94 4.94 13.11
CA LEU A 254 0.41 4.81 12.60
C LEU A 254 1.32 4.10 13.60
N THR A 255 1.14 4.38 14.90
CA THR A 255 1.97 3.75 15.92
C THR A 255 1.73 2.25 15.96
N GLU A 256 0.47 1.82 16.08
CA GLU A 256 0.18 0.39 16.07
C GLU A 256 0.70 -0.27 14.81
N ALA A 257 0.44 0.35 13.65
CA ALA A 257 0.90 -0.18 12.37
C ALA A 257 2.41 -0.37 12.35
N CYS A 258 3.15 0.50 13.03
N CYS A 258 3.15 0.51 13.04
CA CYS A 258 4.60 0.33 13.11
CA CYS A 258 4.59 0.34 13.11
C CYS A 258 4.96 -0.85 14.01
C CYS A 258 4.97 -0.83 14.01
N GLU A 259 4.25 -1.02 15.12
CA GLU A 259 4.51 -2.15 16.00
C GLU A 259 4.15 -3.47 15.32
N LEU A 260 3.13 -3.46 14.46
CA LEU A 260 2.80 -4.67 13.71
C LEU A 260 3.87 -4.98 12.69
N GLU A 261 4.48 -3.96 12.09
CA GLU A 261 5.55 -4.21 11.13
C GLU A 261 6.85 -4.57 11.82
N VAL A 262 7.12 -4.00 13.01
CA VAL A 262 8.27 -4.45 13.79
C VAL A 262 8.16 -5.94 14.10
N ALA A 263 6.99 -6.37 14.56
CA ALA A 263 6.76 -7.79 14.80
C ALA A 263 6.92 -8.60 13.52
N TYR A 264 6.46 -8.05 12.40
CA TYR A 264 6.61 -8.73 11.12
C TYR A 264 8.07 -8.79 10.70
N GLY A 265 8.77 -7.65 10.79
CA GLY A 265 10.18 -7.62 10.42
C GLY A 265 11.02 -8.58 11.24
N ARG A 266 10.75 -8.66 12.55
CA ARG A 266 11.49 -9.58 13.40
C ARG A 266 11.22 -11.03 13.01
N ASP A 267 9.95 -11.36 12.76
CA ASP A 267 9.63 -12.74 12.40
C ASP A 267 10.15 -13.08 11.01
N THR A 268 10.17 -12.11 10.11
CA THR A 268 10.66 -12.33 8.75
C THR A 268 12.19 -12.44 8.70
N MET A 269 12.90 -11.68 9.53
CA MET A 269 14.35 -11.72 9.58
C MET A 269 14.82 -11.89 11.02
N PRO A 270 14.85 -13.14 11.51
CA PRO A 270 15.38 -13.38 12.85
C PRO A 270 16.83 -12.93 12.94
N ARG A 271 17.65 -13.49 12.07
CA ARG A 271 18.99 -12.99 11.82
C ARG A 271 18.98 -12.15 10.56
N GLY A 272 19.69 -11.03 10.60
CA GLY A 272 19.80 -10.20 9.42
C GLY A 272 20.58 -10.91 8.32
N ILE A 273 20.22 -10.58 7.08
CA ILE A 273 20.96 -11.10 5.93
C ILE A 273 22.02 -10.08 5.53
N LEU A 274 22.67 -10.30 4.39
CA LEU A 274 23.74 -9.41 3.94
C LEU A 274 23.14 -8.05 3.58
N GLY A 275 23.53 -7.03 4.33
CA GLY A 275 23.07 -5.68 4.06
C GLY A 275 21.64 -5.38 4.43
N LEU A 276 21.03 -6.21 5.27
CA LEU A 276 19.63 -6.02 5.64
C LEU A 276 19.34 -6.77 6.93
N ASN A 277 18.61 -6.11 7.83
CA ASN A 277 18.20 -6.74 9.08
C ASN A 277 16.91 -6.08 9.55
N ALA A 278 16.39 -6.57 10.69
CA ALA A 278 15.15 -6.02 11.23
C ALA A 278 15.36 -4.62 11.81
N GLY A 279 16.56 -4.33 12.30
CA GLY A 279 16.83 -3.00 12.84
C GLY A 279 16.82 -1.93 11.76
N LEU A 280 17.47 -2.20 10.62
CA LEU A 280 17.46 -1.24 9.52
C LEU A 280 16.04 -1.05 8.99
N CYS A 281 15.27 -2.13 8.90
CA CYS A 281 13.87 -2.00 8.50
C CYS A 281 13.04 -1.26 9.53
N GLU A 282 13.41 -1.37 10.81
CA GLU A 282 12.76 -0.55 11.83
C GLU A 282 13.10 0.92 11.66
N GLU A 283 14.35 1.22 11.26
CA GLU A 283 14.72 2.59 10.98
C GLU A 283 13.98 3.14 9.77
N TYR A 284 13.87 2.35 8.71
CA TYR A 284 13.18 2.80 7.50
C TYR A 284 11.69 3.00 7.78
N MET A 285 11.06 2.04 8.44
N MET A 285 11.06 2.02 8.43
CA MET A 285 9.66 2.19 8.82
CA MET A 285 9.67 2.18 8.86
C MET A 285 9.46 3.43 9.71
C MET A 285 9.49 3.44 9.68
N ARG A 286 10.36 3.67 10.65
CA ARG A 286 10.25 4.84 11.50
C ARG A 286 10.47 6.13 10.71
N PHE A 287 11.39 6.12 9.76
CA PHE A 287 11.59 7.29 8.89
C PHE A 287 10.39 7.52 7.98
N ILE A 288 9.89 6.46 7.34
CA ILE A 288 8.73 6.60 6.47
C ILE A 288 7.51 7.05 7.26
N THR A 289 7.32 6.50 8.46
CA THR A 289 6.17 6.88 9.27
C THR A 289 6.20 8.37 9.59
N ASN A 290 7.36 8.88 10.02
CA ASN A 290 7.50 10.32 10.24
C ASN A 290 7.22 11.08 8.96
N ARG A 291 7.64 10.55 7.81
CA ARG A 291 7.39 11.21 6.54
C ARG A 291 5.89 11.27 6.24
N ARG A 292 5.17 10.19 6.56
CA ARG A 292 3.72 10.20 6.35
C ARG A 292 3.04 11.20 7.26
N CYS A 293 3.54 11.35 8.50
CA CYS A 293 2.98 12.34 9.41
C CYS A 293 3.11 13.75 8.86
N ALA A 294 4.27 14.08 8.30
CA ALA A 294 4.46 15.40 7.71
C ALA A 294 3.52 15.62 6.53
N GLN A 295 3.31 14.60 5.71
CA GLN A 295 2.43 14.76 4.56
C GLN A 295 0.98 14.96 4.96
N LEU A 296 0.59 14.51 6.15
CA LEU A 296 -0.77 14.64 6.66
C LEU A 296 -0.93 15.79 7.65
N GLY A 297 0.10 16.60 7.84
CA GLY A 297 -0.01 17.68 8.83
C GLY A 297 -0.11 17.14 10.24
N LEU A 298 0.60 16.06 10.53
CA LEU A 298 0.56 15.41 11.83
C LEU A 298 1.90 15.53 12.51
N GLU A 299 1.86 15.76 13.82
CA GLU A 299 3.04 15.72 14.65
C GLU A 299 3.72 14.36 14.52
N PRO A 300 5.01 14.30 14.18
CA PRO A 300 5.66 12.99 13.97
C PRO A 300 5.63 12.15 15.24
N VAL A 301 5.50 10.83 15.06
CA VAL A 301 5.37 9.91 16.19
C VAL A 301 6.72 9.39 16.68
N PHE A 302 7.80 9.68 15.98
CA PHE A 302 9.13 9.20 16.28
C PHE A 302 10.12 10.34 16.19
N PRO A 303 11.29 10.23 16.83
CA PRO A 303 12.33 11.24 16.68
C PRO A 303 12.91 11.22 15.27
N GLU A 304 13.70 12.26 14.97
CA GLU A 304 14.34 12.36 13.67
C GLU A 304 15.15 11.11 13.36
N THR A 305 14.77 10.42 12.29
CA THR A 305 15.44 9.19 11.89
C THR A 305 15.88 9.32 10.44
N ALA A 306 17.14 9.00 10.17
CA ALA A 306 17.64 9.04 8.82
C ALA A 306 17.07 7.86 8.02
N ASN A 307 17.20 7.95 6.70
CA ASN A 307 16.75 6.88 5.82
C ASN A 307 17.88 5.87 5.70
N PRO A 308 17.75 4.64 6.21
CA PRO A 308 18.81 3.66 6.01
C PRO A 308 18.98 3.24 4.56
N PHE A 309 17.97 3.46 3.71
CA PHE A 309 18.01 3.13 2.29
C PHE A 309 17.73 4.39 1.49
N PRO A 310 18.71 5.28 1.32
CA PRO A 310 18.49 6.48 0.50
C PRO A 310 18.30 6.16 -0.97
N TRP A 311 18.58 4.93 -1.39
CA TRP A 311 18.43 4.52 -2.77
C TRP A 311 17.01 4.13 -3.14
N MET A 312 16.11 4.00 -2.15
CA MET A 312 14.73 3.64 -2.44
C MET A 312 14.04 4.70 -3.29
#